data_3GS2
#
_entry.id   3GS2
#
_cell.length_a   44.762
_cell.length_b   50.547
_cell.length_c   124.074
_cell.angle_alpha   90.00
_cell.angle_beta   90.00
_cell.angle_gamma   90.00
#
_symmetry.space_group_name_H-M   'P 21 21 21'
#
loop_
_entity.id
_entity.type
_entity.pdbx_description
1 polymer 'E3 ubiquitin-protein ligase RING2'
2 polymer 'Chromobox protein homolog 7'
3 non-polymer 'SULFATE ION'
4 non-polymer 'ZINC ION'
5 water water
#
loop_
_entity_poly.entity_id
_entity_poly.type
_entity_poly.pdbx_seq_one_letter_code
_entity_poly.pdbx_strand_id
1 'polypeptide(L)'
;ASEIELVFRPHPTLMEKDDSAQTRYIKTSGNATVDHLSKYLAVRLALEELRSKGESNQMNLDTASEKQYTIYIATASGQF
TVLDGSFSLELVSEKYWKVNKPMELYYAPTK
;
A,C
2 'polypeptide(L)' EVTVTDITANSITVTFREAQAAEGFFRDRS B,D
#
loop_
_chem_comp.id
_chem_comp.type
_chem_comp.name
_chem_comp.formula
SO4 non-polymer 'SULFATE ION' 'O4 S -2'
ZN non-polymer 'ZINC ION' 'Zn 2'
#
# COMPACT_ATOMS: atom_id res chain seq x y z
N ALA A 1 29.37 2.99 -7.36
CA ALA A 1 28.92 3.06 -5.98
C ALA A 1 27.83 2.03 -5.70
N SER A 2 27.82 1.50 -4.49
CA SER A 2 26.84 0.47 -4.12
C SER A 2 25.41 1.02 -4.03
N GLU A 3 25.30 2.32 -3.77
CA GLU A 3 24.01 2.99 -3.76
C GLU A 3 23.82 3.77 -5.06
N ILE A 4 22.58 3.89 -5.54
CA ILE A 4 22.32 4.67 -6.75
C ILE A 4 21.08 5.57 -6.63
N GLU A 5 21.19 6.80 -7.14
CA GLU A 5 20.10 7.76 -7.10
C GLU A 5 19.45 7.90 -8.47
N LEU A 6 18.12 7.92 -8.49
CA LEU A 6 17.35 7.97 -9.72
C LEU A 6 16.35 9.11 -9.71
N VAL A 7 16.20 9.77 -10.85
CA VAL A 7 15.11 10.71 -11.08
C VAL A 7 14.21 10.04 -12.13
N PHE A 8 12.98 9.68 -11.75
CA PHE A 8 12.18 8.70 -12.50
C PHE A 8 10.89 9.39 -12.91
N ARG A 9 10.67 9.46 -14.22
CA ARG A 9 9.56 10.22 -14.80
C ARG A 9 8.88 9.44 -15.92
N PRO A 10 7.61 9.78 -16.20
CA PRO A 10 6.94 9.18 -17.35
C PRO A 10 7.69 9.58 -18.61
N HIS A 11 7.74 8.68 -19.60
CA HIS A 11 8.38 8.99 -20.86
C HIS A 11 7.66 10.20 -21.46
N PRO A 12 8.42 11.21 -21.93
CA PRO A 12 7.83 12.48 -22.38
C PRO A 12 6.92 12.39 -23.60
N THR A 13 7.08 11.37 -24.44
CA THR A 13 6.22 11.27 -25.63
C THR A 13 5.40 9.98 -25.68
N LEU A 14 5.89 8.91 -25.05
CA LEU A 14 5.18 7.64 -25.07
C LEU A 14 4.03 7.60 -24.07
N MET A 15 4.00 8.59 -23.19
CA MET A 15 2.88 8.73 -22.27
C MET A 15 2.31 10.13 -22.34
N GLU A 16 0.98 10.21 -22.30
CA GLU A 16 0.31 11.51 -22.35
C GLU A 16 0.68 12.33 -21.12
N LYS A 17 0.83 13.64 -21.29
CA LYS A 17 1.07 14.52 -20.15
C LYS A 17 0.05 14.29 -19.05
N ASP A 18 0.51 14.32 -17.81
CA ASP A 18 -0.34 14.11 -16.65
C ASP A 18 0.21 14.92 -15.47
N ASP A 19 -0.49 15.99 -15.12
CA ASP A 19 -0.07 16.86 -14.02
C ASP A 19 -0.10 16.14 -12.68
N SER A 20 -0.79 15.00 -12.66
CA SER A 20 -0.91 14.20 -11.45
CA SER A 20 -0.90 14.21 -11.43
C SER A 20 0.26 13.23 -11.30
N ALA A 21 1.13 13.19 -12.31
CA ALA A 21 2.31 12.32 -12.28
C ALA A 21 3.54 13.12 -11.84
N GLN A 22 3.93 12.97 -10.57
CA GLN A 22 5.08 13.69 -10.04
C GLN A 22 6.38 12.97 -10.33
N THR A 23 7.45 13.75 -10.49
CA THR A 23 8.78 13.17 -10.60
C THR A 23 9.09 12.42 -9.32
N ARG A 24 9.67 11.24 -9.46
CA ARG A 24 10.02 10.45 -8.29
C ARG A 24 11.52 10.50 -8.06
N TYR A 25 11.90 10.71 -6.80
CA TYR A 25 13.31 10.74 -6.43
C TYR A 25 13.60 9.50 -5.62
N ILE A 26 14.47 8.65 -6.14
CA ILE A 26 14.61 7.31 -5.62
C ILE A 26 16.06 6.95 -5.30
N LYS A 27 16.29 6.30 -4.16
CA LYS A 27 17.57 5.67 -3.90
C LYS A 27 17.39 4.16 -3.79
N THR A 28 18.25 3.40 -4.44
CA THR A 28 18.23 1.96 -4.27
C THR A 28 19.66 1.44 -4.42
N SER A 29 19.80 0.13 -4.48
CA SER A 29 21.11 -0.52 -4.62
CA SER A 29 21.12 -0.47 -4.62
C SER A 29 21.56 -0.59 -6.08
N GLY A 30 22.85 -0.43 -6.32
CA GLY A 30 23.38 -0.59 -7.67
C GLY A 30 23.13 -1.98 -8.22
N ASN A 31 23.00 -2.97 -7.34
CA ASN A 31 22.80 -4.35 -7.77
C ASN A 31 21.32 -4.69 -8.06
N ALA A 32 20.43 -3.76 -7.75
CA ALA A 32 19.04 -3.90 -8.19
C ALA A 32 19.01 -3.90 -9.72
N THR A 33 18.07 -4.65 -10.28
CA THR A 33 17.97 -4.71 -11.75
C THR A 33 16.85 -3.84 -12.28
N VAL A 34 16.86 -3.66 -13.59
CA VAL A 34 15.80 -2.91 -14.25
C VAL A 34 14.43 -3.56 -13.99
N ASP A 35 14.41 -4.88 -13.95
CA ASP A 35 13.19 -5.63 -13.60
C ASP A 35 12.65 -5.21 -12.23
N HIS A 36 13.54 -5.06 -11.25
CA HIS A 36 13.09 -4.62 -9.92
C HIS A 36 12.43 -3.25 -10.02
N LEU A 37 13.02 -2.37 -10.82
CA LEU A 37 12.49 -1.03 -10.96
C LEU A 37 11.12 -1.01 -11.65
N SER A 38 10.96 -1.78 -12.72
CA SER A 38 9.68 -1.81 -13.40
CA SER A 38 9.67 -1.82 -13.40
C SER A 38 8.58 -2.35 -12.48
N LYS A 39 8.91 -3.39 -11.71
CA LYS A 39 7.93 -3.98 -10.79
C LYS A 39 7.63 -3.02 -9.64
N TYR A 40 8.66 -2.34 -9.15
CA TYR A 40 8.48 -1.29 -8.16
C TYR A 40 7.46 -0.24 -8.60
N LEU A 41 7.59 0.24 -9.83
CA LEU A 41 6.69 1.29 -10.31
C LEU A 41 5.23 0.83 -10.27
N ALA A 42 4.99 -0.39 -10.74
CA ALA A 42 3.61 -0.92 -10.74
C ALA A 42 3.07 -1.03 -9.31
N VAL A 43 3.91 -1.52 -8.40
CA VAL A 43 3.51 -1.64 -7.01
C VAL A 43 3.25 -0.26 -6.38
N ARG A 44 4.16 0.67 -6.61
CA ARG A 44 4.02 2.03 -6.06
C ARG A 44 2.76 2.73 -6.59
N LEU A 45 2.48 2.59 -7.89
CA LEU A 45 1.30 3.22 -8.45
C LEU A 45 0.05 2.63 -7.80
N ALA A 46 0.05 1.32 -7.61
CA ALA A 46 -1.11 0.65 -7.04
C ALA A 46 -1.30 1.02 -5.57
N LEU A 47 -0.20 1.09 -4.82
CA LEU A 47 -0.27 1.50 -3.42
C LEU A 47 -0.87 2.89 -3.29
N GLU A 48 -0.40 3.79 -4.15
CA GLU A 48 -0.86 5.18 -4.12
C GLU A 48 -2.35 5.29 -4.47
N GLU A 49 -2.78 4.52 -5.45
CA GLU A 49 -4.20 4.50 -5.82
C GLU A 49 -5.06 4.00 -4.67
N LEU A 50 -4.65 2.89 -4.06
CA LEU A 50 -5.34 2.35 -2.89
C LEU A 50 -5.49 3.37 -1.76
N ARG A 51 -4.38 4.03 -1.43
CA ARG A 51 -4.42 5.01 -0.36
C ARG A 51 -5.30 6.22 -0.71
N SER A 52 -5.27 6.61 -1.99
CA SER A 52 -6.12 7.70 -2.47
C SER A 52 -7.60 7.34 -2.40
N LYS A 53 -7.94 6.13 -2.80
CA LYS A 53 -9.31 5.64 -2.65
C LYS A 53 -9.70 5.60 -1.18
N GLY A 54 -8.79 5.13 -0.33
CA GLY A 54 -9.04 5.09 1.10
C GLY A 54 -9.47 6.43 1.67
N GLU A 55 -8.85 7.51 1.20
CA GLU A 55 -9.14 8.83 1.75
C GLU A 55 -10.25 9.58 1.00
N SER A 56 -10.68 9.04 -0.14
CA SER A 56 -11.77 9.63 -0.91
C SER A 56 -13.11 9.18 -0.33
N ASN A 57 -14.20 9.73 -0.85
CA ASN A 57 -15.54 9.36 -0.38
C ASN A 57 -16.11 8.12 -1.04
N GLN A 58 -15.29 7.44 -1.85
CA GLN A 58 -15.72 6.23 -2.54
C GLN A 58 -15.74 5.05 -1.57
N MET A 59 -16.86 4.32 -1.51
CA MET A 59 -16.95 3.14 -0.65
C MET A 59 -16.48 1.88 -1.38
N ASN A 60 -16.50 1.91 -2.70
CA ASN A 60 -16.04 0.74 -3.44
C ASN A 60 -14.62 0.92 -3.95
N LEU A 61 -13.76 -0.04 -3.64
CA LEU A 61 -12.41 -0.06 -4.19
C LEU A 61 -12.44 -0.73 -5.56
N ASP A 62 -12.23 0.05 -6.61
CA ASP A 62 -12.15 -0.51 -7.95
C ASP A 62 -10.74 -1.03 -8.18
N THR A 63 -9.82 -0.11 -8.49
CA THR A 63 -8.43 -0.46 -8.73
C THR A 63 -8.26 -1.17 -10.07
N GLU A 66 -3.75 -1.71 -14.06
CA GLU A 66 -2.61 -2.55 -13.70
C GLU A 66 -1.77 -2.94 -14.92
N LYS A 67 -0.92 -2.04 -15.38
CA LYS A 67 -0.09 -2.29 -16.57
C LYS A 67 1.28 -2.80 -16.18
N GLN A 68 2.01 -3.33 -17.16
CA GLN A 68 3.43 -3.69 -17.04
C GLN A 68 4.21 -2.56 -17.70
N TYR A 69 5.36 -2.21 -17.14
CA TYR A 69 6.14 -1.07 -17.65
C TYR A 69 7.52 -1.39 -18.19
N THR A 70 7.87 -0.66 -19.24
CA THR A 70 9.20 -0.71 -19.85
C THR A 70 9.98 0.51 -19.37
N ILE A 71 11.27 0.34 -19.11
CA ILE A 71 12.09 1.43 -18.61
C ILE A 71 13.01 1.94 -19.73
N TYR A 72 13.16 3.26 -19.83
CA TYR A 72 13.96 3.90 -20.87
C TYR A 72 14.98 4.85 -20.25
N ILE A 73 16.06 5.13 -20.98
CA ILE A 73 17.00 6.15 -20.59
C ILE A 73 17.29 6.99 -21.83
N ALA A 74 17.37 8.31 -21.64
CA ALA A 74 17.83 9.20 -22.71
C ALA A 74 19.35 9.29 -22.60
N THR A 75 20.02 8.91 -23.68
CA THR A 75 21.47 8.87 -23.71
C THR A 75 22.00 10.18 -24.26
N ALA A 76 23.32 10.27 -24.41
CA ALA A 76 23.98 11.50 -24.83
C ALA A 76 23.44 12.05 -26.14
N SER A 77 23.02 11.15 -27.04
CA SER A 77 22.50 11.55 -28.34
C SER A 77 21.15 12.25 -28.23
N GLY A 78 20.52 12.12 -27.06
CA GLY A 78 19.20 12.67 -26.87
C GLY A 78 18.10 11.68 -27.19
N GLN A 79 18.45 10.59 -27.85
CA GLN A 79 17.48 9.53 -28.16
C GLN A 79 17.30 8.63 -26.94
N PHE A 80 16.31 7.73 -27.01
CA PHE A 80 16.04 6.83 -25.89
C PHE A 80 16.46 5.39 -26.16
N THR A 81 16.92 4.73 -25.10
CA THR A 81 17.29 3.32 -25.15
C THR A 81 16.34 2.57 -24.20
N VAL A 82 15.75 1.47 -24.69
CA VAL A 82 14.97 0.56 -23.85
C VAL A 82 15.93 -0.28 -23.02
N LEU A 83 15.74 -0.31 -21.70
CA LEU A 83 16.70 -0.98 -20.84
C LEU A 83 16.34 -2.43 -20.60
N ASP A 84 17.29 -3.31 -20.86
CA ASP A 84 17.06 -4.73 -20.61
C ASP A 84 16.76 -4.96 -19.14
N GLY A 85 15.74 -5.77 -18.87
CA GLY A 85 15.30 -6.04 -17.51
C GLY A 85 16.36 -6.70 -16.65
N SER A 86 17.29 -7.42 -17.27
CA SER A 86 18.28 -8.16 -16.49
C SER A 86 19.45 -7.30 -16.04
N PHE A 87 19.59 -6.13 -16.64
CA PHE A 87 20.73 -5.24 -16.32
C PHE A 87 20.66 -4.66 -14.91
N SER A 88 21.78 -4.63 -14.21
CA SER A 88 21.79 -3.93 -12.92
C SER A 88 21.77 -2.44 -13.16
N LEU A 89 21.22 -1.70 -12.21
CA LEU A 89 21.24 -0.26 -12.35
C LEU A 89 22.68 0.29 -12.38
N GLU A 90 23.58 -0.43 -11.72
CA GLU A 90 25.01 -0.10 -11.75
C GLU A 90 25.53 -0.16 -13.19
N LEU A 91 25.20 -1.25 -13.88
CA LEU A 91 25.61 -1.43 -15.28
C LEU A 91 24.98 -0.37 -16.16
N VAL A 92 23.68 -0.11 -15.98
CA VAL A 92 23.03 0.95 -16.74
C VAL A 92 23.77 2.28 -16.56
N SER A 93 24.12 2.62 -15.34
CA SER A 93 24.82 3.88 -15.08
CA SER A 93 24.81 3.89 -15.08
C SER A 93 26.15 3.94 -15.83
N GLU A 94 26.89 2.85 -15.81
CA GLU A 94 28.21 2.80 -16.47
C GLU A 94 28.13 2.78 -17.99
N LYS A 95 27.14 2.09 -18.51
CA LYS A 95 27.00 1.86 -19.94
C LYS A 95 26.28 3.01 -20.67
N TYR A 96 25.23 3.57 -20.04
CA TYR A 96 24.35 4.49 -20.74
C TYR A 96 24.25 5.91 -20.18
N TRP A 97 24.57 6.11 -18.91
CA TRP A 97 24.37 7.42 -18.29
C TRP A 97 25.69 8.15 -18.20
N LYS A 98 26.65 7.54 -17.52
CA LYS A 98 28.05 7.97 -17.55
C LYS A 98 28.33 9.39 -17.02
N VAL A 99 27.40 9.96 -16.28
CA VAL A 99 27.62 11.29 -15.71
C VAL A 99 27.43 11.31 -14.19
N ASN A 100 28.09 12.27 -13.55
CA ASN A 100 28.06 12.40 -12.10
C ASN A 100 26.82 13.16 -11.62
N LYS A 101 25.65 12.58 -11.90
CA LYS A 101 24.39 13.18 -11.54
C LYS A 101 23.45 12.02 -11.28
N PRO A 102 22.39 12.27 -10.50
CA PRO A 102 21.36 11.25 -10.36
C PRO A 102 20.88 10.79 -11.74
N MET A 103 20.70 9.48 -11.87
CA MET A 103 20.40 8.90 -13.18
C MET A 103 18.95 9.12 -13.61
N GLU A 104 18.76 9.78 -14.74
CA GLU A 104 17.41 10.08 -15.21
C GLU A 104 16.85 8.91 -16.02
N LEU A 105 15.79 8.30 -15.50
CA LEU A 105 15.15 7.15 -16.16
C LEU A 105 13.69 7.47 -16.41
N TYR A 106 13.10 6.81 -17.40
CA TYR A 106 11.71 7.05 -17.79
C TYR A 106 10.94 5.73 -17.91
N TYR A 107 9.62 5.82 -17.83
CA TYR A 107 8.80 4.63 -17.99
C TYR A 107 7.69 4.85 -19.01
N ALA A 108 7.26 3.75 -19.63
CA ALA A 108 6.04 3.74 -20.45
C ALA A 108 5.54 2.30 -20.49
N PRO A 109 4.24 2.12 -20.78
CA PRO A 109 3.71 0.75 -20.75
C PRO A 109 4.33 -0.17 -21.80
N THR A 110 4.43 -1.44 -21.44
CA THR A 110 4.81 -2.51 -22.37
C THR A 110 3.59 -2.89 -23.17
N LYS A 111 3.69 -2.80 -24.50
CA LYS A 111 2.56 -3.16 -25.34
C LYS A 111 2.96 -3.47 -26.77
N GLU B 1 8.15 12.76 3.43
CA GLU B 1 8.50 11.45 3.97
C GLU B 1 9.29 10.63 2.94
N VAL B 2 9.84 9.50 3.41
CA VAL B 2 10.53 8.58 2.52
C VAL B 2 9.87 7.22 2.61
N THR B 3 9.19 6.81 1.56
CA THR B 3 8.56 5.52 1.58
C THR B 3 9.64 4.50 1.35
N VAL B 4 9.44 3.31 1.88
CA VAL B 4 10.38 2.21 1.71
C VAL B 4 9.60 1.02 1.23
N THR B 5 10.01 0.48 0.09
CA THR B 5 9.29 -0.64 -0.48
C THR B 5 10.26 -1.74 -0.87
N ASP B 6 9.96 -2.96 -0.45
CA ASP B 6 10.77 -4.11 -0.84
C ASP B 6 10.13 -4.82 -2.04
N ILE B 7 10.95 -5.08 -3.05
CA ILE B 7 10.50 -5.67 -4.32
C ILE B 7 11.39 -6.85 -4.67
N THR B 8 10.77 -7.99 -5.00
CA THR B 8 11.48 -9.20 -5.38
C THR B 8 11.40 -9.48 -6.88
N ALA B 9 12.54 -9.85 -7.47
CA ALA B 9 12.58 -10.27 -8.86
C ALA B 9 13.78 -11.18 -9.02
N ASN B 10 13.59 -12.28 -9.74
CA ASN B 10 14.65 -13.24 -9.96
C ASN B 10 15.25 -13.76 -8.64
N SER B 11 14.39 -13.89 -7.64
CA SER B 11 14.74 -14.46 -6.34
C SER B 11 15.57 -13.53 -5.47
N ILE B 12 15.72 -12.28 -5.90
CA ILE B 12 16.42 -11.29 -5.08
C ILE B 12 15.48 -10.16 -4.70
N THR B 13 15.46 -9.83 -3.40
CA THR B 13 14.67 -8.72 -2.92
C THR B 13 15.55 -7.49 -2.74
N VAL B 14 15.07 -6.35 -3.20
CA VAL B 14 15.77 -5.07 -3.00
C VAL B 14 14.83 -4.03 -2.40
N THR B 15 15.40 -3.03 -1.76
CA THR B 15 14.64 -1.91 -1.20
C THR B 15 14.72 -0.67 -2.06
N PHE B 16 13.56 -0.05 -2.32
CA PHE B 16 13.52 1.25 -2.97
C PHE B 16 13.06 2.29 -1.96
N ARG B 17 13.85 3.34 -1.82
CA ARG B 17 13.48 4.47 -0.97
C ARG B 17 13.12 5.64 -1.85
N GLU B 18 11.94 6.23 -1.59
CA GLU B 18 11.47 7.29 -2.47
C GLU B 18 11.05 8.54 -1.70
N ALA B 19 11.51 9.70 -2.17
CA ALA B 19 11.09 10.98 -1.60
C ALA B 19 10.39 11.80 -2.67
N GLN B 20 9.74 12.88 -2.25
CA GLN B 20 9.00 13.72 -3.19
C GLN B 20 9.85 14.89 -3.70
N ALA B 21 11.07 15.00 -3.19
CA ALA B 21 12.01 16.02 -3.65
C ALA B 21 13.45 15.61 -3.45
N ALA B 22 14.33 16.14 -4.29
CA ALA B 22 15.75 15.79 -4.26
C ALA B 22 16.44 16.45 -3.07
N GLU B 23 16.09 17.70 -2.81
CA GLU B 23 16.70 18.48 -1.74
C GLU B 23 16.50 17.81 -0.39
N GLY B 24 17.60 17.52 0.30
CA GLY B 24 17.56 16.90 1.60
C GLY B 24 17.64 15.39 1.52
N PHE B 25 17.52 14.87 0.31
CA PHE B 25 17.48 13.43 0.08
C PHE B 25 18.74 12.99 -0.65
N PHE B 26 18.92 13.48 -1.87
CA PHE B 26 20.10 13.14 -2.66
C PHE B 26 21.37 13.70 -2.03
N ARG B 27 22.49 13.04 -2.27
CA ARG B 27 23.77 13.49 -1.68
C ARG B 27 24.36 14.70 -2.41
N ASP B 28 25.23 15.43 -1.70
CA ASP B 28 25.89 16.57 -2.30
C ASP B 28 27.04 16.06 -3.18
N ARG B 29 27.09 16.55 -4.42
CA ARG B 29 28.10 16.08 -5.37
C ARG B 29 29.22 17.08 -5.57
N SER B 30 29.00 18.31 -5.10
CA SER B 30 29.96 19.39 -5.24
C SER B 30 31.42 18.92 -5.12
N SER C 2 -8.15 5.98 18.91
CA SER C 2 -8.69 6.67 20.09
C SER C 2 -9.29 5.73 21.15
N GLU C 3 -10.59 5.90 21.40
CA GLU C 3 -11.23 5.34 22.59
C GLU C 3 -11.97 4.01 22.39
N ILE C 4 -12.36 3.68 21.16
CA ILE C 4 -12.95 2.36 20.89
C ILE C 4 -11.85 1.35 20.57
N GLU C 5 -11.85 0.22 21.24
CA GLU C 5 -10.86 -0.82 21.01
C GLU C 5 -11.54 -2.05 20.40
N LEU C 6 -10.93 -2.60 19.35
CA LEU C 6 -11.54 -3.70 18.61
C LEU C 6 -10.60 -4.90 18.51
N VAL C 7 -11.14 -6.09 18.78
CA VAL C 7 -10.48 -7.34 18.43
C VAL C 7 -11.25 -7.91 17.24
N PHE C 8 -10.64 -7.85 16.07
CA PHE C 8 -11.30 -8.02 14.77
C PHE C 8 -10.84 -9.33 14.13
N ARG C 9 -11.79 -10.21 13.86
CA ARG C 9 -11.49 -11.55 13.35
C ARG C 9 -12.35 -11.92 12.15
N PRO C 10 -11.85 -12.85 11.33
CA PRO C 10 -12.70 -13.44 10.28
C PRO C 10 -13.89 -14.15 10.90
N HIS C 11 -15.04 -14.06 10.23
CA HIS C 11 -16.20 -14.85 10.63
C HIS C 11 -15.77 -16.31 10.61
N PRO C 12 -15.94 -17.03 11.73
CA PRO C 12 -15.45 -18.40 11.85
C PRO C 12 -15.89 -19.31 10.70
N THR C 13 -17.15 -19.20 10.30
CA THR C 13 -17.71 -20.12 9.31
C THR C 13 -17.67 -19.58 7.88
N LEU C 14 -17.82 -18.27 7.73
CA LEU C 14 -17.89 -17.65 6.42
C LEU C 14 -16.51 -17.35 5.83
N MET C 15 -15.47 -17.82 6.51
CA MET C 15 -14.10 -17.63 6.03
C MET C 15 -13.88 -18.26 4.67
N GLU C 16 -12.68 -18.07 4.14
CA GLU C 16 -12.10 -19.00 3.19
C GLU C 16 -11.00 -19.75 3.94
N LYS C 17 -11.25 -21.03 4.17
CA LYS C 17 -10.34 -21.88 4.92
C LYS C 17 -8.87 -21.57 4.68
N ASP C 18 -8.50 -21.37 3.41
CA ASP C 18 -7.11 -21.16 3.01
C ASP C 18 -6.53 -19.81 3.45
N ASP C 19 -7.40 -18.93 3.95
CA ASP C 19 -6.97 -17.60 4.36
C ASP C 19 -6.52 -17.54 5.82
N SER C 20 -5.69 -16.55 6.11
CA SER C 20 -5.19 -16.36 7.47
C SER C 20 -6.34 -16.08 8.42
N ALA C 21 -6.18 -16.55 9.65
CA ALA C 21 -7.18 -16.31 10.69
C ALA C 21 -6.66 -15.26 11.66
N GLN C 22 -5.59 -14.56 11.26
CA GLN C 22 -4.86 -13.69 12.18
C GLN C 22 -5.68 -12.53 12.73
N THR C 23 -5.87 -12.56 14.04
CA THR C 23 -6.60 -11.52 14.76
C THR C 23 -5.93 -10.15 14.59
N ARG C 24 -6.74 -9.11 14.41
CA ARG C 24 -6.25 -7.73 14.33
C ARG C 24 -6.71 -6.94 15.55
N TYR C 25 -5.82 -6.07 16.04
CA TYR C 25 -6.10 -5.24 17.21
C TYR C 25 -6.13 -3.79 16.77
N ILE C 26 -7.29 -3.17 16.94
CA ILE C 26 -7.55 -1.87 16.32
C ILE C 26 -8.06 -0.84 17.33
N LYS C 27 -7.57 0.39 17.20
CA LYS C 27 -8.06 1.50 18.00
C LYS C 27 -8.57 2.59 17.06
N THR C 28 -9.70 3.19 17.38
CA THR C 28 -10.19 4.32 16.60
C THR C 28 -11.21 5.09 17.42
N SER C 29 -11.79 6.14 16.84
CA SER C 29 -12.78 6.93 17.57
CA SER C 29 -12.79 6.94 17.54
C SER C 29 -14.14 6.23 17.60
N GLY C 30 -14.85 6.38 18.69
CA GLY C 30 -16.15 5.75 18.84
C GLY C 30 -17.13 6.26 17.81
N ASN C 31 -16.81 7.40 17.20
CA ASN C 31 -17.66 8.00 16.19
C ASN C 31 -17.50 7.38 14.81
N ALA C 32 -16.40 6.64 14.60
CA ALA C 32 -16.22 5.87 13.38
C ALA C 32 -17.44 5.00 13.17
N THR C 33 -17.87 4.83 11.93
CA THR C 33 -19.02 3.97 11.64
C THR C 33 -18.57 2.58 11.19
N VAL C 34 -19.52 1.65 11.17
CA VAL C 34 -19.29 0.32 10.60
C VAL C 34 -18.80 0.43 9.15
N ASP C 35 -19.34 1.38 8.39
CA ASP C 35 -18.89 1.59 7.01
C ASP C 35 -17.40 1.96 6.96
N HIS C 36 -16.96 2.82 7.89
CA HIS C 36 -15.53 3.16 7.98
C HIS C 36 -14.71 1.89 8.23
N LEU C 37 -15.18 1.03 9.13
CA LEU C 37 -14.44 -0.16 9.52
C LEU C 37 -14.36 -1.18 8.38
N SER C 38 -15.48 -1.37 7.68
CA SER C 38 -15.52 -2.26 6.52
C SER C 38 -14.56 -1.76 5.45
N LYS C 39 -14.57 -0.46 5.21
CA LYS C 39 -13.69 0.13 4.20
C LYS C 39 -12.23 0.04 4.65
N TYR C 40 -11.97 0.33 5.91
CA TYR C 40 -10.62 0.15 6.45
C TYR C 40 -10.08 -1.27 6.18
N LEU C 41 -10.88 -2.28 6.50
CA LEU C 41 -10.49 -3.65 6.26
C LEU C 41 -10.14 -3.89 4.78
N ALA C 42 -11.00 -3.43 3.89
CA ALA C 42 -10.81 -3.62 2.46
C ALA C 42 -9.47 -3.03 2.05
N VAL C 43 -9.23 -1.79 2.47
CA VAL C 43 -7.96 -1.12 2.18
C VAL C 43 -6.75 -1.85 2.76
N ARG C 44 -6.82 -2.24 4.03
CA ARG C 44 -5.70 -2.91 4.69
C ARG C 44 -5.37 -4.24 4.02
N LEU C 45 -6.40 -5.02 3.71
CA LEU C 45 -6.18 -6.29 3.04
C LEU C 45 -5.57 -6.07 1.66
N ALA C 46 -6.05 -5.06 0.95
CA ALA C 46 -5.55 -4.79 -0.40
C ALA C 46 -4.09 -4.36 -0.33
N LEU C 47 -3.76 -3.54 0.66
CA LEU C 47 -2.38 -3.08 0.81
C LEU C 47 -1.47 -4.24 1.15
N GLU C 48 -1.94 -5.12 2.04
CA GLU C 48 -1.15 -6.28 2.45
C GLU C 48 -0.90 -7.22 1.26
N GLU C 49 -1.93 -7.38 0.43
CA GLU C 49 -1.85 -8.24 -0.74
C GLU C 49 -0.86 -7.68 -1.77
N LEU C 50 -0.90 -6.37 -1.97
CA LEU C 50 0.03 -5.72 -2.87
C LEU C 50 1.46 -5.90 -2.41
N ARG C 51 1.71 -5.67 -1.12
CA ARG C 51 3.08 -5.79 -0.63
C ARG C 51 3.56 -7.22 -0.74
N SER C 52 2.66 -8.17 -0.48
CA SER C 52 2.99 -9.58 -0.60
C SER C 52 3.35 -9.95 -2.04
N LYS C 53 2.57 -9.47 -3.00
CA LYS C 53 2.89 -9.69 -4.40
C LYS C 53 4.20 -9.01 -4.78
N GLY C 54 4.44 -7.85 -4.18
CA GLY C 54 5.69 -7.15 -4.38
C GLY C 54 6.88 -7.99 -3.94
N GLU C 55 6.73 -8.73 -2.84
CA GLU C 55 7.82 -9.53 -2.29
C GLU C 55 7.91 -10.93 -2.90
N SER C 56 6.89 -11.33 -3.65
CA SER C 56 6.84 -12.64 -4.30
C SER C 56 7.72 -12.68 -5.55
N ASN C 57 8.02 -13.88 -6.01
CA ASN C 57 8.81 -14.04 -7.22
C ASN C 57 8.10 -13.68 -8.52
N GLN C 58 6.79 -13.52 -8.48
CA GLN C 58 6.04 -13.22 -9.71
C GLN C 58 6.30 -11.81 -10.23
N MET C 59 6.43 -11.65 -11.55
CA MET C 59 6.62 -10.32 -12.14
C MET C 59 5.30 -9.58 -12.40
N ASN C 60 4.21 -10.33 -12.55
CA ASN C 60 2.91 -9.75 -12.84
C ASN C 60 2.01 -9.59 -11.61
N LEU C 61 1.45 -8.39 -11.45
CA LEU C 61 0.49 -8.07 -10.39
C LEU C 61 -0.94 -8.18 -10.91
N ASP C 62 -1.85 -7.47 -10.24
CA ASP C 62 -3.24 -7.39 -10.67
C ASP C 62 -4.01 -6.34 -9.87
N THR C 63 -5.33 -6.41 -9.94
CA THR C 63 -6.21 -5.44 -9.27
C THR C 63 -6.33 -5.68 -7.78
N GLU C 66 -11.34 -5.61 -5.17
CA GLU C 66 -11.68 -7.01 -4.95
C GLU C 66 -13.06 -7.18 -4.30
N LYS C 67 -13.13 -7.02 -2.99
CA LYS C 67 -14.37 -7.30 -2.26
C LYS C 67 -14.80 -6.20 -1.27
N GLN C 68 -16.09 -6.17 -0.97
CA GLN C 68 -16.58 -5.37 0.14
C GLN C 68 -16.90 -6.32 1.28
N TYR C 69 -16.96 -5.80 2.49
CA TYR C 69 -17.12 -6.68 3.66
C TYR C 69 -18.32 -6.34 4.52
N THR C 70 -18.93 -7.38 5.06
CA THR C 70 -19.99 -7.24 6.03
C THR C 70 -19.39 -7.44 7.42
N ILE C 71 -19.84 -6.63 8.38
CA ILE C 71 -19.33 -6.71 9.73
C ILE C 71 -20.39 -7.33 10.63
N TYR C 72 -19.97 -8.24 11.51
CA TYR C 72 -20.87 -8.98 12.40
C TYR C 72 -20.44 -8.84 13.84
N ILE C 73 -21.38 -9.05 14.75
CA ILE C 73 -21.02 -9.23 16.14
C ILE C 73 -21.73 -10.48 16.65
N ALA C 74 -21.09 -11.23 17.53
CA ALA C 74 -21.69 -12.45 18.08
C ALA C 74 -22.82 -12.10 19.04
N THR C 75 -23.88 -12.89 19.00
CA THR C 75 -24.99 -12.69 19.92
C THR C 75 -25.42 -14.01 20.53
N ALA C 76 -26.12 -13.94 21.66
CA ALA C 76 -26.76 -15.11 22.24
C ALA C 76 -27.92 -15.51 21.35
N SER C 77 -27.90 -16.75 20.86
CA SER C 77 -26.80 -17.67 21.14
C SER C 77 -26.40 -18.41 19.87
N GLY C 78 -25.11 -18.71 19.75
CA GLY C 78 -24.59 -19.45 18.62
C GLY C 78 -24.98 -18.86 17.28
N GLN C 79 -24.83 -17.54 17.17
CA GLN C 79 -25.19 -16.83 15.95
C GLN C 79 -24.38 -15.55 15.83
N PHE C 80 -24.52 -14.89 14.69
CA PHE C 80 -23.84 -13.63 14.44
C PHE C 80 -24.79 -12.62 13.82
N THR C 81 -24.81 -11.41 14.37
CA THR C 81 -25.71 -10.35 13.90
C THR C 81 -24.98 -9.41 12.94
N VAL C 82 -25.59 -9.16 11.78
CA VAL C 82 -25.02 -8.23 10.82
C VAL C 82 -25.25 -6.80 11.28
N LEU C 83 -24.19 -5.99 11.25
CA LEU C 83 -24.27 -4.63 11.74
C LEU C 83 -24.47 -3.64 10.59
N ASP C 84 -25.46 -2.76 10.74
CA ASP C 84 -25.73 -1.73 9.75
C ASP C 84 -24.53 -0.82 9.59
N GLY C 85 -24.19 -0.50 8.35
CA GLY C 85 -23.02 0.33 8.08
C GLY C 85 -23.08 1.72 8.66
N SER C 86 -24.28 2.22 8.97
CA SER C 86 -24.39 3.57 9.51
C SER C 86 -24.16 3.65 11.02
N PHE C 87 -24.12 2.50 11.70
CA PHE C 87 -23.94 2.51 13.15
C PHE C 87 -22.56 3.01 13.55
N SER C 88 -22.47 3.88 14.55
CA SER C 88 -21.17 4.21 15.10
C SER C 88 -20.65 3.03 15.91
N LEU C 89 -19.33 2.93 16.07
CA LEU C 89 -18.81 1.82 16.84
C LEU C 89 -19.17 1.97 18.31
N GLU C 90 -19.29 3.20 18.76
CA GLU C 90 -19.77 3.45 20.11
C GLU C 90 -21.14 2.84 20.35
N LEU C 91 -22.07 3.08 19.43
CA LEU C 91 -23.40 2.47 19.49
C LEU C 91 -23.31 0.96 19.48
N VAL C 92 -22.46 0.40 18.63
CA VAL C 92 -22.35 -1.04 18.58
C VAL C 92 -21.92 -1.61 19.94
N SER C 93 -20.96 -0.97 20.58
CA SER C 93 -20.47 -1.46 21.87
CA SER C 93 -20.47 -1.48 21.86
C SER C 93 -21.55 -1.41 22.94
N GLU C 94 -22.32 -0.33 22.96
CA GLU C 94 -23.38 -0.17 23.96
C GLU C 94 -24.58 -1.09 23.69
N LYS C 95 -25.02 -1.11 22.44
CA LYS C 95 -26.19 -1.87 22.04
C LYS C 95 -25.97 -3.39 22.11
N TYR C 96 -24.84 -3.85 21.57
CA TYR C 96 -24.64 -5.28 21.35
C TYR C 96 -23.58 -5.92 22.23
N TRP C 97 -22.49 -5.20 22.46
CA TRP C 97 -21.36 -5.76 23.20
C TRP C 97 -21.59 -5.57 24.69
N LYS C 98 -21.69 -4.32 25.10
CA LYS C 98 -22.12 -3.93 26.45
C LYS C 98 -21.00 -3.95 27.49
N VAL C 99 -20.24 -5.04 27.55
CA VAL C 99 -19.23 -5.22 28.57
C VAL C 99 -18.03 -4.28 28.43
N ASN C 100 -17.36 -3.99 29.53
CA ASN C 100 -16.21 -3.07 29.52
C ASN C 100 -14.92 -3.77 29.11
N LYS C 101 -14.93 -4.32 27.89
CA LYS C 101 -13.74 -4.94 27.33
C LYS C 101 -13.63 -4.55 25.87
N PRO C 102 -12.41 -4.63 25.29
CA PRO C 102 -12.31 -4.46 23.84
C PRO C 102 -13.40 -5.25 23.15
N MET C 103 -14.00 -4.63 22.14
CA MET C 103 -15.14 -5.21 21.46
C MET C 103 -14.73 -6.24 20.42
N GLU C 104 -15.45 -7.36 20.35
CA GLU C 104 -15.14 -8.42 19.40
C GLU C 104 -16.07 -8.38 18.17
N LEU C 105 -15.49 -8.05 17.03
CA LEU C 105 -16.24 -7.98 15.79
C LEU C 105 -15.66 -8.96 14.78
N TYR C 106 -16.47 -9.28 13.77
CA TYR C 106 -16.11 -10.24 12.75
C TYR C 106 -16.41 -9.71 11.36
N TYR C 107 -15.73 -10.26 10.36
CA TYR C 107 -15.95 -9.82 9.00
C TYR C 107 -16.03 -10.99 8.03
N ALA C 108 -16.73 -10.77 6.93
CA ALA C 108 -16.80 -11.72 5.83
C ALA C 108 -17.10 -10.95 4.57
N PRO C 109 -16.64 -11.46 3.42
CA PRO C 109 -16.95 -10.80 2.16
C PRO C 109 -18.46 -10.71 2.00
N THR C 110 -18.94 -9.58 1.50
CA THR C 110 -20.36 -9.41 1.26
C THR C 110 -20.74 -10.21 0.02
N LYS C 111 -21.69 -11.13 0.17
CA LYS C 111 -22.11 -11.97 -0.94
C LYS C 111 -22.82 -11.16 -2.03
N GLU D 1 5.90 -0.38 14.88
CA GLU D 1 5.02 -1.19 15.71
C GLU D 1 3.52 -0.96 15.42
N VAL D 2 3.11 0.29 15.26
CA VAL D 2 1.69 0.61 15.06
C VAL D 2 1.41 1.16 13.66
N THR D 3 0.42 0.59 12.98
CA THR D 3 0.05 1.03 11.65
C THR D 3 -1.06 2.07 11.73
N VAL D 4 -0.90 3.18 11.01
CA VAL D 4 -1.88 4.27 11.04
C VAL D 4 -2.49 4.52 9.65
N THR D 5 -3.81 4.54 9.57
CA THR D 5 -4.48 4.64 8.28
C THR D 5 -5.69 5.57 8.40
N ASP D 6 -5.81 6.52 7.47
CA ASP D 6 -6.97 7.41 7.41
C ASP D 6 -7.97 6.89 6.38
N ILE D 7 -9.23 6.78 6.80
CA ILE D 7 -10.28 6.25 5.96
C ILE D 7 -11.47 7.19 5.99
N THR D 8 -11.97 7.53 4.82
CA THR D 8 -13.07 8.47 4.69
C THR D 8 -14.35 7.79 4.26
N ALA D 9 -15.45 8.16 4.92
CA ALA D 9 -16.79 7.74 4.54
C ALA D 9 -17.73 8.83 4.98
N ASN D 10 -18.65 9.21 4.09
CA ASN D 10 -19.65 10.25 4.38
C ASN D 10 -19.04 11.60 4.73
N SER D 11 -17.92 11.92 4.08
CA SER D 11 -17.24 13.20 4.31
C SER D 11 -16.74 13.33 5.74
N ILE D 12 -16.46 12.20 6.36
CA ILE D 12 -15.78 12.21 7.63
C ILE D 12 -14.59 11.27 7.55
N THR D 13 -13.40 11.80 7.81
CA THR D 13 -12.22 10.97 7.77
C THR D 13 -11.88 10.48 9.16
N VAL D 14 -11.72 9.17 9.29
CA VAL D 14 -11.42 8.56 10.57
C VAL D 14 -10.04 7.92 10.56
N THR D 15 -9.30 8.10 11.64
CA THR D 15 -7.98 7.49 11.77
C THR D 15 -8.02 6.16 12.51
N PHE D 16 -7.48 5.12 11.87
CA PHE D 16 -7.40 3.79 12.46
C PHE D 16 -5.97 3.47 12.85
N ARG D 17 -5.79 2.91 14.03
CA ARG D 17 -4.48 2.42 14.45
C ARG D 17 -4.58 0.92 14.69
N GLU D 18 -3.57 0.18 14.26
CA GLU D 18 -3.61 -1.27 14.37
C GLU D 18 -2.28 -1.82 14.87
N ALA D 19 -2.33 -2.78 15.77
CA ALA D 19 -1.11 -3.39 16.27
C ALA D 19 -1.26 -4.91 16.21
N GLN D 20 -0.17 -5.61 16.51
CA GLN D 20 -0.14 -7.07 16.39
C GLN D 20 -0.46 -7.78 17.71
N ALA D 21 -0.68 -7.00 18.77
CA ALA D 21 -1.07 -7.54 20.08
C ALA D 21 -1.72 -6.48 20.96
N ALA D 22 -2.55 -6.93 21.90
CA ALA D 22 -3.25 -6.00 22.79
C ALA D 22 -2.31 -5.30 23.78
N GLU D 23 -1.52 -6.09 24.51
CA GLU D 23 -0.62 -5.53 25.52
C GLU D 23 0.28 -4.43 24.98
N GLY D 24 0.32 -3.30 25.68
CA GLY D 24 1.13 -2.17 25.28
C GLY D 24 0.47 -1.35 24.19
N PHE D 25 -0.76 -1.73 23.83
CA PHE D 25 -1.51 -1.04 22.79
C PHE D 25 -2.87 -0.61 23.34
N PHE D 26 -3.68 -1.58 23.75
CA PHE D 26 -4.94 -1.30 24.39
C PHE D 26 -4.67 -0.70 25.77
N ARG D 27 -5.63 0.05 26.29
CA ARG D 27 -5.48 0.72 27.57
C ARG D 27 -5.76 -0.23 28.73
N ASP D 28 -5.26 0.11 29.92
CA ASP D 28 -5.61 -0.64 31.13
C ASP D 28 -7.02 -0.27 31.58
N ARG D 29 -7.77 -1.28 32.01
CA ARG D 29 -9.13 -1.05 32.48
C ARG D 29 -9.31 -1.55 33.91
S SO4 E . 3.47 3.24 1.60
O1 SO4 E . 2.78 3.93 0.51
O2 SO4 E . 4.81 2.84 1.17
O3 SO4 E . 3.59 4.12 2.76
O4 SO4 E . 2.70 2.05 1.96
ZN ZN F . 27.39 2.64 -8.51
S SO4 G . 27.20 7.18 -8.92
O1 SO4 G . 28.08 6.36 -9.74
O2 SO4 G . 27.86 7.51 -7.67
O3 SO4 G . 26.90 8.42 -9.64
O4 SO4 G . 25.97 6.44 -8.65
#